data_7VNV
#
_entry.id   7VNV
#
_cell.length_a   32.650
_cell.length_b   116.620
_cell.length_c   57.238
_cell.angle_alpha   90.00
_cell.angle_beta   100.97
_cell.angle_gamma   90.00
#
_symmetry.space_group_name_H-M   'P 1 21 1'
#
loop_
_entity.id
_entity.type
_entity.pdbx_description
1 polymer 'RNA (78-MER)'
2 water water
#
_entity_poly.entity_id   1
_entity_poly.type   'polyribonucleotide'
_entity_poly.pdbx_seq_one_letter_code
;GGGCC(4AC)G(4SU)C(2MG)UC(PSU)A(7SN)C(OMC)UGGUUAGGAC(M2G)CCGCC(OMC)U(OMU)ACAAGGCG
GAGG(9QV)(5MC)(5MC)UGGG(SUR)(PSU)(OMC)(7S3)(1MA)GUCCCAGCGGGCCCACCA
;
_entity_poly.pdbx_strand_id   A,B
#
loop_
_chem_comp.id
_chem_comp.type
_chem_comp.name
_chem_comp.formula
1MA RNA linking 6-HYDRO-1-METHYLADENOSINE-5'-MONOPHOSPHATE 'C11 H16 N5 O7 P'
2MG RNA linking 2N-METHYLGUANOSINE-5'-MONOPHOSPHATE 'C11 H16 N5 O8 P'
4AC RNA linking N(4)-ACETYLCYTIDINE-5'-MONOPHOSPHATE 'C11 H16 N3 O9 P'
4SU RNA linking 4-THIOURIDINE-5'-MONOPHOSPHATE 'C9 H13 N2 O8 P S'
5MC RNA linking 5-METHYLCYTIDINE-5'-MONOPHOSPHATE 'C10 H16 N3 O8 P'
7S3 RNA linking '[(2R,3S,4R,5R)-5-(1-methyl-6-oxidanylidene-purin-9-yl)-3,4-bis(oxidanyl)oxolan-2-yl]methyl dihydrogen phosphate' 'C11 H15 N4 O8 P'
7SN RNA linking '[(2R,3S,4R,5R)-5-(2-azanyl-5-carbamimidoyl-4-oxidanylidene-3H-pyrrolo[2,3-d]pyrimidin-7-yl)-3,4-bis(oxidanyl)oxolan-2-yl]methyl dihydrogen phosphate' 'C12 H17 N6 O8 P'
9QV RNA linking 'uridine 2',5'-bis(dihydrogen phosphate)' 'C9 H14 N2 O12 P2'
A RNA linking ADENOSINE-5'-MONOPHOSPHATE 'C10 H14 N5 O7 P'
C RNA linking CYTIDINE-5'-MONOPHOSPHATE 'C9 H14 N3 O8 P'
G RNA linking GUANOSINE-5'-MONOPHOSPHATE 'C10 H14 N5 O8 P'
M2G RNA linking N2-DIMETHYLGUANOSINE-5'-MONOPHOSPHATE 'C12 H18 N5 O8 P'
OMC RNA linking O2'-METHYLYCYTIDINE-5'-MONOPHOSPHATE 'C10 H16 N3 O8 P'
OMU RNA linking 'O2'-METHYLURIDINE 5'-MONOPHOSPHATE' 'C10 H15 N2 O9 P'
PSU RNA linking PSEUDOURIDINE-5'-MONOPHOSPHATE 'C9 H13 N2 O9 P'
SUR RNA linking 1-(BETA-D-RIBOFURANOSYL)-2-THIO-URACIL-5'-PHOSPHATE 'C9 H13 N2 O8 P S'
U RNA linking URIDINE-5'-MONOPHOSPHATE 'C9 H13 N2 O9 P'
#
# COMPACT_ATOMS: atom_id res chain seq x y z
P 4AC A 6 3.41 -21.60 -4.79
OP1 4AC A 6 2.84 -20.56 -3.89
OP2 4AC A 6 2.80 -21.91 -6.11
O5' 4AC A 6 4.89 -21.16 -5.16
C5' 4AC A 6 5.86 -20.92 -4.14
C4' 4AC A 6 7.26 -21.09 -4.68
O4' 4AC A 6 7.34 -22.34 -5.39
C3' 4AC A 6 7.73 -20.06 -5.69
O3' 4AC A 6 8.22 -18.89 -5.07
C2' 4AC A 6 8.82 -20.81 -6.44
O2' 4AC A 6 10.04 -20.79 -5.71
C1' 4AC A 6 8.31 -22.23 -6.42
N1 4AC A 6 7.75 -22.71 -7.70
C2 4AC A 6 8.67 -22.98 -8.73
O2 4AC A 6 9.88 -22.74 -8.55
N3 4AC A 6 8.23 -23.46 -9.90
C4 4AC A 6 6.95 -23.71 -10.06
N4 4AC A 6 6.63 -24.20 -11.26
C5 4AC A 6 5.98 -23.46 -9.04
C6 4AC A 6 6.42 -22.96 -7.87
C7 4AC A 6 5.36 -24.53 -11.75
O7 4AC A 6 4.28 -24.47 -11.17
CM7 4AC A 6 5.43 -25.01 -13.18
N1 4SU A 8 10.76 -11.77 -5.83
C2 4SU A 8 10.33 -11.12 -4.69
N3 4SU A 8 10.32 -11.90 -3.56
C4 4SU A 8 10.71 -13.22 -3.50
C5 4SU A 8 11.15 -13.83 -4.71
C6 4SU A 8 11.15 -13.07 -5.81
O2 4SU A 8 9.99 -9.97 -4.68
S4 4SU A 8 10.64 -14.01 -2.01
C1' 4SU A 8 10.79 -11.00 -7.10
C2' 4SU A 8 12.05 -10.14 -7.20
O2' 4SU A 8 11.74 -9.01 -7.99
C3' 4SU A 8 13.00 -11.07 -7.95
C4' 4SU A 8 12.06 -11.78 -8.91
O3' 4SU A 8 14.01 -10.35 -8.63
O4' 4SU A 8 10.83 -11.92 -8.17
C5' 4SU A 8 12.53 -13.12 -9.41
O5' 4SU A 8 12.75 -14.00 -8.33
P 4SU A 8 13.61 -15.33 -8.49
OP1 4SU A 8 14.82 -15.08 -9.31
OP2 4SU A 8 13.76 -15.87 -7.12
P 2MG A 10 20.27 -6.68 -8.96
OP1 2MG A 10 20.62 -5.53 -9.83
OP2 2MG A 10 19.79 -7.94 -9.57
O5' 2MG A 10 21.56 -7.09 -8.13
C5' 2MG A 10 22.55 -7.90 -8.69
C4' 2MG A 10 23.43 -8.50 -7.62
O4' 2MG A 10 23.85 -7.47 -6.69
C3' 2MG A 10 22.77 -9.55 -6.75
O3' 2MG A 10 22.82 -10.83 -7.36
C2' 2MG A 10 23.58 -9.48 -5.46
O2' 2MG A 10 24.78 -10.22 -5.56
C1' 2MG A 10 23.93 -7.99 -5.38
N9 2MG A 10 22.99 -7.25 -4.55
C8 2MG A 10 22.15 -6.25 -4.99
N7 2MG A 10 21.41 -5.75 -4.04
C5 2MG A 10 21.80 -6.46 -2.91
C6 2MG A 10 21.33 -6.36 -1.58
O6 2MG A 10 20.48 -5.60 -1.13
N1 2MG A 10 21.96 -7.28 -0.74
C2 2MG A 10 22.92 -8.17 -1.14
N2 2MG A 10 23.40 -8.95 -0.16
CM2 2MG A 10 24.66 -9.66 -0.32
N3 2MG A 10 23.37 -8.27 -2.38
C4 2MG A 10 22.76 -7.40 -3.21
N1 PSU A 13 14.12 -12.92 -2.92
C2 PSU A 13 13.63 -11.67 -2.84
N3 PSU A 13 13.16 -11.17 -1.69
C4 PSU A 13 13.18 -11.89 -0.57
C5 PSU A 13 13.72 -13.26 -0.63
C6 PSU A 13 14.19 -13.72 -1.86
O2 PSU A 13 13.59 -10.97 -3.87
O4 PSU A 13 12.76 -11.41 0.51
C1' PSU A 13 13.78 -14.12 0.57
C2' PSU A 13 12.38 -14.58 0.94
O2' PSU A 13 12.21 -14.57 2.36
C3' PSU A 13 12.28 -15.98 0.39
C4' PSU A 13 13.71 -16.47 0.49
O3' PSU A 13 11.39 -16.79 1.17
O4' PSU A 13 14.51 -15.30 0.28
C5' PSU A 13 14.07 -17.55 -0.52
O5' PSU A 13 15.10 -18.36 0.06
P PSU A 13 16.33 -18.94 -0.80
OP1 PSU A 13 16.34 -20.44 -0.60
OP2 PSU A 13 16.26 -18.39 -2.21
N3 7SN A 15 5.18 -9.22 -3.60
C4 7SN A 15 5.47 -10.44 -3.11
N2 7SN A 15 5.56 -7.84 -5.41
C7 7SN A 15 6.28 -12.54 -2.83
C6 7SN A 15 6.84 -11.19 -4.95
C8 7SN A 15 5.55 -12.21 -1.80
C2 7SN A 15 5.74 -9.01 -4.78
C5 7SN A 15 6.25 -11.43 -3.67
N1 7SN A 15 6.53 -9.92 -5.44
C1' 7SN A 15 4.16 -10.26 -0.91
C2' 7SN A 15 2.67 -10.41 -1.23
C3' 7SN A 15 2.22 -11.50 -0.24
C4' 7SN A 15 3.17 -11.31 0.94
C5' 7SN A 15 3.43 -12.56 1.75
CA7 7SN A 15 6.98 -13.83 -2.96
N71 7SN A 15 7.63 -14.12 -4.10
N72 7SN A 15 6.98 -14.71 -1.95
N9 7SN A 15 5.02 -10.95 -1.90
O2' 7SN A 15 2.02 -9.18 -0.93
O3' 7SN A 15 0.88 -11.34 0.17
O4' 7SN A 15 4.40 -10.82 0.37
O5' 7SN A 15 3.87 -13.61 0.92
O6 7SN A 15 7.56 -11.93 -5.64
OP1 7SN A 15 3.87 -15.66 2.38
OP2 7SN A 15 5.37 -15.45 0.30
P 7SN A 15 4.73 -14.83 1.49
N1 OMC A 17 -4.81 -14.79 -1.04
C2 OMC A 17 -4.83 -15.09 0.33
N3 OMC A 17 -4.76 -14.08 1.25
C4 OMC A 17 -4.66 -12.81 0.85
C5 OMC A 17 -4.64 -12.47 -0.53
C6 OMC A 17 -4.71 -13.48 -1.44
O2 OMC A 17 -4.92 -16.29 0.67
N4 OMC A 17 -4.59 -11.87 1.80
C1' OMC A 17 -4.88 -15.93 -1.99
C2' OMC A 17 -6.32 -16.25 -2.41
O2' OMC A 17 -6.40 -17.64 -2.67
CM2 OMC A 17 -7.58 -18.18 -2.07
C3' OMC A 17 -6.43 -15.47 -3.71
C4' OMC A 17 -5.05 -15.67 -4.32
O4' OMC A 17 -4.16 -15.61 -3.17
O3' OMC A 17 -7.50 -15.87 -4.56
C5' OMC A 17 -4.63 -14.63 -5.33
O5' OMC A 17 -4.75 -13.34 -4.77
P OMC A 17 -3.90 -12.13 -5.34
OP1 OMC A 17 -4.17 -11.97 -6.79
OP2 OMC A 17 -4.02 -10.98 -4.41
P M2G A 28 25.86 -6.46 6.95
OP1 M2G A 28 27.10 -6.61 7.78
OP2 M2G A 28 24.98 -5.29 7.19
O5' M2G A 28 26.28 -6.42 5.42
C5' M2G A 28 27.00 -7.48 4.82
C4' M2G A 28 27.04 -7.37 3.32
O4' M2G A 28 25.71 -7.53 2.77
C3' M2G A 28 27.53 -6.06 2.74
O3' M2G A 28 28.92 -5.94 2.76
C2' M2G A 28 26.96 -6.11 1.33
O2' M2G A 28 27.74 -6.97 0.51
C1' M2G A 28 25.61 -6.77 1.57
N9 M2G A 28 24.56 -5.74 1.74
C8 M2G A 28 23.90 -5.38 2.90
N7 M2G A 28 23.03 -4.42 2.71
C5 M2G A 28 23.12 -4.13 1.35
C6 M2G A 28 22.45 -3.17 0.54
O6 M2G A 28 21.59 -2.37 0.87
N1 M2G A 28 22.86 -3.20 -0.80
C2 M2G A 28 23.82 -4.06 -1.29
N2 M2G A 28 24.09 -3.97 -2.60
N3 M2G A 28 24.45 -4.95 -0.55
C4 M2G A 28 24.07 -4.93 0.74
CM1 M2G A 28 25.22 -4.73 -3.16
CM2 M2G A 28 23.23 -3.16 -3.49
N1 OMC A 34 30.03 8.32 15.60
C2 OMC A 34 30.22 6.97 15.30
N3 OMC A 34 30.91 6.62 14.19
C4 OMC A 34 31.41 7.55 13.39
C5 OMC A 34 31.24 8.94 13.66
C6 OMC A 34 30.56 9.27 14.76
O2 OMC A 34 29.74 6.10 16.06
N4 OMC A 34 32.09 7.17 12.31
C1' OMC A 34 29.28 8.71 16.81
C2' OMC A 34 30.17 8.74 18.06
O2' OMC A 34 29.37 8.40 19.19
CM2 OMC A 34 30.21 7.95 20.26
C3' OMC A 34 30.57 10.21 18.11
C4' OMC A 34 29.29 10.91 17.65
O4' OMC A 34 28.75 10.02 16.63
O3' OMC A 34 31.00 10.65 19.39
C5' OMC A 34 29.47 12.29 17.07
O5' OMC A 34 30.23 12.26 15.87
P OMC A 34 30.33 13.54 14.93
OP1 OMC A 34 30.28 14.72 15.83
OP2 OMC A 34 31.45 13.38 13.98
N1 OMU A 36 41.76 7.02 19.05
C2 OMU A 36 42.38 5.83 18.71
N3 OMU A 36 42.07 4.76 19.53
C4 OMU A 36 41.24 4.78 20.63
C5 OMU A 36 40.66 6.05 20.93
C6 OMU A 36 40.94 7.09 20.16
O2 OMU A 36 43.14 5.71 17.75
O4 OMU A 36 41.06 3.72 21.25
C1' OMU A 36 42.06 8.26 18.29
C2' OMU A 36 41.46 8.31 16.88
O2' OMU A 36 42.37 9.00 16.03
CM2 OMU A 36 43.03 8.08 15.15
C3' OMU A 36 40.21 9.14 17.11
C4' OMU A 36 40.64 10.12 18.19
O3' OMU A 36 39.77 9.81 15.94
O4' OMU A 36 41.55 9.35 19.01
C5' OMU A 36 39.54 10.68 19.06
O5' OMU A 36 38.88 9.63 19.77
P OMU A 36 37.58 9.92 20.63
OP1 OMU A 36 37.98 10.17 22.03
OP2 OMU A 36 36.78 10.96 19.91
O5' 9QV A 49 13.60 -4.63 -13.38
C5' 9QV A 49 12.89 -5.84 -13.22
C4' 9QV A 49 11.49 -5.48 -12.81
O4' 9QV A 49 11.46 -4.53 -11.74
C1' 9QV A 49 10.65 -3.44 -12.10
N1 9QV A 49 11.21 -2.31 -11.36
C6 9QV A 49 12.57 -2.14 -11.25
C5 9QV A 49 13.11 -1.14 -10.56
C4 9QV A 49 12.25 -0.20 -9.91
O4 9QV A 49 12.62 0.77 -9.25
N3 9QV A 49 10.91 -0.44 -10.06
C2 9QV A 49 10.33 -1.45 -10.75
O2 9QV A 49 9.12 -1.58 -10.84
C2' 9QV A 49 10.81 -3.34 -13.61
O2' 9QV A 49 9.72 -2.67 -14.20
P 9QV A 49 15.17 -4.56 -13.48
O3P 9QV A 49 10.67 -2.55 -16.47
O2P 9QV A 49 8.88 -1.15 -15.92
O1P 9QV A 49 10.98 -0.77 -14.95
C3' 9QV A 49 10.75 -4.82 -13.95
O3' 9QV A 49 9.42 -5.28 -14.01
P1 9QV A 49 10.06 -1.77 -15.41
OP1 9QV A 49 15.57 -5.30 -14.70
OP2 9QV A 49 15.62 -3.17 -13.34
P 5MC A 50 9.01 -6.66 -14.71
OP1 5MC A 50 9.93 -7.02 -15.82
OP2 5MC A 50 7.56 -6.56 -14.99
O5' 5MC A 50 9.12 -7.74 -13.53
C5' 5MC A 50 10.15 -8.73 -13.50
C4' 5MC A 50 10.09 -9.61 -12.27
O4' 5MC A 50 9.89 -8.79 -11.08
C3' 5MC A 50 9.00 -10.67 -12.25
O3' 5MC A 50 9.53 -11.86 -11.67
C2' 5MC A 50 7.94 -10.07 -11.32
O2' 5MC A 50 7.16 -11.04 -10.63
C1' 5MC A 50 8.78 -9.29 -10.34
N1 5MC A 50 8.10 -8.15 -9.71
C2 5MC A 50 7.54 -8.32 -8.44
O2 5MC A 50 7.61 -9.42 -7.89
N3 5MC A 50 6.91 -7.28 -7.85
C4 5MC A 50 6.83 -6.12 -8.46
N4 5MC A 50 6.21 -5.13 -7.82
C5 5MC A 50 7.40 -5.92 -9.76
C6 5MC A 50 8.02 -6.95 -10.34
CM5 5MC A 50 7.31 -4.57 -10.47
P 5MC A 51 9.10 -13.29 -12.21
OP1 5MC A 51 7.71 -13.26 -12.72
OP2 5MC A 51 9.53 -14.31 -11.23
O5' 5MC A 51 10.00 -13.46 -13.53
C5' 5MC A 51 11.42 -13.40 -13.47
C4' 5MC A 51 12.02 -14.11 -14.67
O4' 5MC A 51 11.94 -15.54 -14.44
C3' 5MC A 51 11.29 -13.90 -16.00
O3' 5MC A 51 11.69 -12.72 -16.67
C2' 5MC A 51 11.59 -15.18 -16.76
O2' 5MC A 51 12.89 -15.14 -17.34
C1' 5MC A 51 11.62 -16.22 -15.63
N1 5MC A 51 10.32 -16.89 -15.44
C2 5MC A 51 9.83 -17.78 -16.39
O2 5MC A 51 10.50 -17.99 -17.42
N3 5MC A 51 8.66 -18.39 -16.20
C4 5MC A 51 7.95 -18.17 -15.09
N4 5MC A 51 6.80 -18.82 -14.98
C5 5MC A 51 8.42 -17.26 -14.08
C6 5MC A 51 9.60 -16.68 -14.29
CM5 5MC A 51 7.62 -16.99 -12.79
P SUR A 56 -7.46 -9.72 -24.48
OP1 SUR A 56 -8.59 -9.36 -25.37
OP2 SUR A 56 -6.34 -8.78 -24.28
O5' SUR A 56 -8.08 -9.95 -23.04
C5' SUR A 56 -9.14 -10.87 -22.84
C4' SUR A 56 -9.53 -10.90 -21.38
O4' SUR A 56 -8.42 -11.39 -20.58
C3' SUR A 56 -9.88 -9.56 -20.77
C1' SUR A 56 -8.41 -10.74 -19.33
N1 SUR A 56 -7.13 -10.02 -19.17
C2' SUR A 56 -9.63 -9.80 -19.28
C6 SUR A 56 -6.32 -9.69 -20.23
C2 SUR A 56 -6.72 -9.68 -17.91
C5 SUR A 56 -5.16 -9.04 -20.08
S2 SUR A 56 -7.69 -10.07 -16.60
N3 SUR A 56 -5.54 -9.01 -17.74
C4 SUR A 56 -4.70 -8.66 -18.77
O4 SUR A 56 -3.67 -8.05 -18.52
O2' SUR A 56 -10.71 -10.52 -18.70
O3' SUR A 56 -11.21 -9.16 -21.06
N1 PSU A 57 -6.81 -6.05 -20.05
C2 PSU A 57 -5.67 -5.54 -19.54
N3 PSU A 57 -5.59 -5.15 -18.27
C4 PSU A 57 -6.63 -5.25 -17.45
C5 PSU A 57 -7.90 -5.81 -17.98
C6 PSU A 57 -7.91 -6.20 -19.32
O2 PSU A 57 -4.67 -5.43 -20.26
O4 PSU A 57 -6.53 -4.87 -16.28
C1' PSU A 57 -9.08 -5.92 -17.10
C2' PSU A 57 -9.80 -4.58 -17.10
O2' PSU A 57 -10.39 -4.35 -15.83
C3' PSU A 57 -10.87 -4.76 -18.14
C4' PSU A 57 -11.28 -6.20 -17.89
O3' PSU A 57 -11.94 -3.81 -18.04
O4' PSU A 57 -10.03 -6.87 -17.60
C5' PSU A 57 -11.98 -6.84 -19.08
O5' PSU A 57 -11.13 -6.81 -20.21
P PSU A 57 -11.51 -7.65 -21.52
OP1 PSU A 57 -12.99 -7.51 -21.75
OP2 PSU A 57 -10.53 -7.30 -22.61
N1 OMC A 58 -10.26 0.48 -15.58
C2 OMC A 58 -9.74 0.79 -14.32
N3 OMC A 58 -10.12 0.07 -13.23
C4 OMC A 58 -10.99 -0.92 -13.37
C5 OMC A 58 -11.54 -1.26 -14.64
C6 OMC A 58 -11.16 -0.54 -15.70
O2 OMC A 58 -8.92 1.73 -14.23
N4 OMC A 58 -11.36 -1.61 -12.27
C1' OMC A 58 -9.81 1.30 -16.73
C2' OMC A 58 -8.42 0.90 -17.24
O2' OMC A 58 -7.82 2.05 -17.79
CM2 OMC A 58 -6.78 2.50 -16.93
C3' OMC A 58 -8.79 -0.09 -18.33
C4' OMC A 58 -10.02 0.55 -18.95
O4' OMC A 58 -10.72 1.13 -17.80
O3' OMC A 58 -7.74 -0.32 -19.28
C5' OMC A 58 -10.94 -0.41 -19.65
O5' OMC A 58 -11.04 -1.61 -18.90
P OMC A 58 -12.16 -2.69 -19.19
OP1 OMC A 58 -13.48 -2.04 -18.97
OP2 OMC A 58 -11.80 -3.25 -20.51
C2 7S3 A 59 -7.13 -2.76 -10.54
C4 7S3 A 59 -7.03 -2.33 -12.69
C1' 7S3 A 59 -5.44 -1.00 -14.18
C2' 7S3 A 59 -4.11 -1.74 -14.35
C3' 7S3 A 59 -4.01 -1.81 -15.86
C4' 7S3 A 59 -4.62 -0.49 -16.31
C5 7S3 A 59 -8.19 -3.05 -12.95
C5' 7S3 A 59 -5.18 -0.48 -17.72
C6 7S3 A 59 -8.84 -3.64 -11.83
C8 7S3 A 59 -7.52 -2.30 -14.83
CM1 7S3 A 59 -8.84 -4.05 -9.40
N1 7S3 A 59 -8.27 -3.47 -10.62
N3 7S3 A 59 -6.43 -2.16 -11.50
N7 7S3 A 59 -8.49 -3.02 -14.30
N9 7S3 A 59 -6.60 -1.87 -13.92
O2' 7S3 A 59 -3.09 -0.88 -13.84
O3' 7S3 A 59 -2.68 -1.94 -16.32
O4' 7S3 A 59 -5.68 -0.25 -15.35
O5' 7S3 A 59 -6.03 -1.60 -17.93
O6 7S3 A 59 -9.89 -4.30 -11.96
OP1 7S3 A 59 -5.95 -1.63 -20.40
OP2 7S3 A 59 -7.87 -2.85 -19.18
P 7S3 A 59 -6.91 -1.70 -19.24
P 1MA A 60 -2.14 -3.38 -16.77
OP1 1MA A 60 -0.75 -3.16 -17.24
OP2 1MA A 60 -3.14 -4.10 -17.59
O5' 1MA A 60 -2.08 -4.20 -15.41
C5' 1MA A 60 -1.23 -3.78 -14.34
C4' 1MA A 60 -0.56 -4.97 -13.70
O4' 1MA A 60 -1.60 -5.89 -13.25
C3' 1MA A 60 0.34 -5.76 -14.64
O3' 1MA A 60 1.40 -6.34 -13.87
C2' 1MA A 60 -0.57 -6.89 -15.10
O2' 1MA A 60 0.12 -8.06 -15.50
C1' 1MA A 60 -1.39 -7.15 -13.84
N9 1MA A 60 -2.68 -7.76 -14.08
C8 1MA A 60 -3.32 -7.88 -15.32
N7 1MA A 60 -4.47 -8.50 -15.20
C5 1MA A 60 -4.58 -8.78 -13.83
C6 1MA A 60 -5.57 -9.42 -13.06
N6 1MA A 60 -6.68 -9.90 -13.62
N1 1MA A 60 -5.37 -9.51 -11.70
CM1 1MA A 60 -6.34 -10.16 -10.84
C2 1MA A 60 -4.24 -9.03 -11.19
N3 1MA A 60 -3.23 -8.42 -11.80
C4 1MA A 60 -3.47 -8.34 -13.13
P 4AC B 6 -21.97 1.87 2.83
OP1 4AC B 6 -20.78 1.59 2.00
OP2 4AC B 6 -22.30 1.02 4.00
O5' 4AC B 6 -21.74 3.31 3.46
C5' 4AC B 6 -21.32 4.41 2.67
C4' 4AC B 6 -21.72 5.72 3.30
O4' 4AC B 6 -23.03 5.61 3.88
C3' 4AC B 6 -20.86 6.23 4.44
O3' 4AC B 6 -19.72 6.91 3.96
C2' 4AC B 6 -21.80 7.19 5.16
O2' 4AC B 6 -21.82 8.44 4.50
C1' 4AC B 6 -23.15 6.54 4.94
N1 4AC B 6 -23.74 5.87 6.12
C2 4AC B 6 -24.15 6.65 7.22
O2 4AC B 6 -23.91 7.87 7.24
N3 4AC B 6 -24.76 6.05 8.24
C4 4AC B 6 -24.99 4.74 8.22
N4 4AC B 6 -25.59 4.26 9.30
C5 4AC B 6 -24.62 3.92 7.11
C6 4AC B 6 -24.02 4.53 6.08
C7 4AC B 6 -25.98 2.94 9.54
O7 4AC B 6 -25.85 1.97 8.79
CM7 4AC B 6 -26.66 2.80 10.87
N1 4SU B 8 -13.02 9.70 5.78
C2 4SU B 8 -12.23 9.48 4.68
N3 4SU B 8 -12.85 9.70 3.49
C4 4SU B 8 -14.16 10.09 3.35
C5 4SU B 8 -14.95 10.29 4.53
C6 4SU B 8 -14.34 10.09 5.69
O2 4SU B 8 -11.06 9.13 4.72
S4 4SU B 8 -14.71 10.27 1.80
C1' 4SU B 8 -12.39 9.47 7.10
C2' 4SU B 8 -11.52 10.63 7.54
O2' 4SU B 8 -10.52 10.10 8.40
C3' 4SU B 8 -12.51 11.46 8.34
C4' 4SU B 8 -13.33 10.38 9.05
O3' 4SU B 8 -11.87 12.32 9.25
O4' 4SU B 8 -13.41 9.31 8.07
C5' 4SU B 8 -14.70 10.79 9.47
O5' 4SU B 8 -15.46 11.18 8.34
P 4SU B 8 -16.85 11.92 8.49
OP1 4SU B 8 -16.72 12.96 9.55
OP2 4SU B 8 -17.24 12.27 7.11
P 2MG B 10 -7.90 18.09 11.16
OP1 2MG B 10 -6.56 18.62 11.56
OP2 2MG B 10 -8.85 17.58 12.20
O5' 2MG B 10 -8.68 19.24 10.39
C5' 2MG B 10 -9.25 20.34 11.10
C4' 2MG B 10 -9.72 21.43 10.17
O4' 2MG B 10 -8.60 21.95 9.41
C3' 2MG B 10 -10.74 21.03 9.12
O3' 2MG B 10 -12.05 21.04 9.64
C2' 2MG B 10 -10.54 22.09 8.03
O2' 2MG B 10 -11.21 23.29 8.41
C1' 2MG B 10 -9.03 22.33 8.11
N9 2MG B 10 -8.24 21.57 7.12
C8 2MG B 10 -7.26 20.66 7.40
N7 2MG B 10 -6.68 20.15 6.34
C5 2MG B 10 -7.31 20.79 5.29
C6 2MG B 10 -7.11 20.64 3.88
O6 2MG B 10 -6.31 19.90 3.30
N1 2MG B 10 -7.96 21.47 3.16
C2 2MG B 10 -8.90 22.33 3.73
N2 2MG B 10 -9.63 23.05 2.87
CM2 2MG B 10 -10.53 24.08 3.34
N3 2MG B 10 -9.09 22.48 5.03
C4 2MG B 10 -8.26 21.68 5.74
N1 PSU B 13 -13.78 13.47 3.44
C2 PSU B 13 -12.52 13.02 3.37
N3 PSU B 13 -11.91 12.80 2.19
C4 PSU B 13 -12.54 13.04 1.05
C5 PSU B 13 -13.94 13.54 1.10
C6 PSU B 13 -14.50 13.73 2.35
O2 PSU B 13 -11.88 12.80 4.42
O4 PSU B 13 -11.98 12.83 -0.05
C1' PSU B 13 -14.68 13.79 -0.16
C2' PSU B 13 -14.98 12.46 -0.83
O2' PSU B 13 -14.89 12.61 -2.24
C3' PSU B 13 -16.40 12.13 -0.42
C4' PSU B 13 -17.01 13.51 -0.33
O3' PSU B 13 -17.01 11.32 -1.43
O4' PSU B 13 -15.96 14.38 0.12
C5' PSU B 13 -18.20 13.62 0.62
O5' PSU B 13 -18.93 14.79 0.25
P PSU B 13 -19.53 15.78 1.36
OP1 PSU B 13 -21.03 15.75 1.23
OP2 PSU B 13 -18.88 15.47 2.68
N3 7SN B 15 -9.92 4.46 2.99
C4 7SN B 15 -11.07 4.87 2.45
N2 7SN B 15 -8.72 4.42 4.94
C7 7SN B 15 -13.11 5.82 2.13
C6 7SN B 15 -11.97 5.92 4.44
C8 7SN B 15 -12.67 5.28 1.02
C2 7SN B 15 -9.81 4.77 4.27
C5 7SN B 15 -12.10 5.58 3.05
N1 7SN B 15 -10.77 5.47 4.97
C1' 7SN B 15 -10.61 3.99 0.12
C2' 7SN B 15 -10.70 2.46 0.18
C3' 7SN B 15 -11.68 2.14 -0.93
C4' 7SN B 15 -11.43 3.25 -1.95
C5' 7SN B 15 -12.61 3.60 -2.82
CA7 7SN B 15 -14.41 6.53 2.22
N71 7SN B 15 -14.81 7.09 3.37
N72 7SN B 15 -15.20 6.62 1.13
N9 7SN B 15 -11.44 4.68 1.15
O2' 7SN B 15 -9.42 1.91 -0.12
O3' 7SN B 15 -11.45 0.86 -1.52
O4' 7SN B 15 -11.05 4.40 -1.15
O5' 7SN B 15 -13.66 4.09 -2.00
O6 7SN B 15 -12.77 6.53 5.15
OP1 7SN B 15 -15.58 3.96 -3.59
OP2 7SN B 15 -15.68 5.30 -1.41
P 7SN B 15 -14.93 4.84 -2.61
N1 OMC B 17 -14.54 -5.03 -1.49
C2 OMC B 17 -14.64 -4.94 -2.88
N3 OMC B 17 -13.52 -4.75 -3.63
C4 OMC B 17 -12.33 -4.64 -3.04
C5 OMC B 17 -12.20 -4.73 -1.62
C6 OMC B 17 -13.32 -4.91 -0.90
O2 OMC B 17 -15.77 -5.04 -3.41
N4 OMC B 17 -11.25 -4.47 -3.82
C1' OMC B 17 -15.78 -5.21 -0.69
C2' OMC B 17 -16.16 -6.68 -0.56
O2' OMC B 17 -17.58 -6.77 -0.57
CM2 OMC B 17 -18.01 -6.94 -1.93
C3' OMC B 17 -15.59 -7.01 0.80
C4' OMC B 17 -15.83 -5.74 1.59
O4' OMC B 17 -15.59 -4.70 0.61
O3' OMC B 17 -16.18 -8.14 1.42
C5' OMC B 17 -14.92 -5.55 2.78
O5' OMC B 17 -13.56 -5.53 2.38
P OMC B 17 -12.49 -4.72 3.24
OP1 OMC B 17 -12.64 -5.26 4.61
OP2 OMC B 17 -11.23 -4.63 2.48
P M2G B 28 -7.01 26.95 -3.38
OP1 M2G B 28 -7.18 28.36 -3.80
OP2 M2G B 28 -5.77 26.22 -3.75
O5' M2G B 28 -7.11 26.93 -1.80
C5' M2G B 28 -8.15 27.64 -1.14
C4' M2G B 28 -8.04 27.49 0.36
O4' M2G B 28 -8.25 26.11 0.75
C3' M2G B 28 -6.70 27.83 0.97
O3' M2G B 28 -6.46 29.22 1.07
C2' M2G B 28 -6.76 27.11 2.30
O2' M2G B 28 -7.55 27.85 3.23
C1' M2G B 28 -7.49 25.82 1.91
N9 M2G B 28 -6.49 24.79 1.58
C8 M2G B 28 -6.10 24.31 0.34
N7 M2G B 28 -5.15 23.41 0.43
C5 M2G B 28 -4.90 23.30 1.80
C6 M2G B 28 -3.98 22.49 2.53
O6 M2G B 28 -3.16 21.68 2.11
N1 M2G B 28 -4.07 22.72 3.90
C2 M2G B 28 -4.93 23.60 4.49
N2 M2G B 28 -4.89 23.66 5.83
N3 M2G B 28 -5.79 24.35 3.83
C4 M2G B 28 -5.72 24.15 2.50
CM1 M2G B 28 -5.66 24.69 6.56
CM2 M2G B 28 -4.13 22.63 6.57
N1 OMC B 34 8.31 30.96 -11.84
C2 OMC B 34 6.95 31.28 -11.70
N3 OMC B 34 6.52 31.90 -10.58
C4 OMC B 34 7.38 32.17 -9.59
C5 OMC B 34 8.76 31.85 -9.70
C6 OMC B 34 9.17 31.24 -10.83
O2 OMC B 34 6.16 31.02 -12.63
N4 OMC B 34 6.91 32.77 -8.49
C1' OMC B 34 8.78 30.27 -13.07
C2' OMC B 34 8.82 31.20 -14.30
O2' OMC B 34 8.50 30.43 -15.45
CM2 OMC B 34 7.36 31.00 -16.09
C3' OMC B 34 10.28 31.61 -14.33
C4' OMC B 34 11.00 30.38 -13.82
O4' OMC B 34 10.10 29.81 -12.84
O3' OMC B 34 10.72 32.01 -15.62
C5' OMC B 34 12.33 30.63 -13.18
O5' OMC B 34 12.20 31.59 -12.13
P OMC B 34 13.44 31.93 -11.18
OP1 OMC B 34 14.64 32.14 -12.03
OP2 OMC B 34 13.02 33.00 -10.24
N1 OMU B 36 6.12 41.43 -17.85
C2 OMU B 36 4.79 41.70 -17.52
N3 OMU B 36 3.86 41.06 -18.32
C4 OMU B 36 4.10 40.23 -19.41
C5 OMU B 36 5.48 40.04 -19.69
C6 OMU B 36 6.41 40.62 -18.93
O2 OMU B 36 4.43 42.39 -16.59
O4 OMU B 36 3.14 39.76 -20.03
C1' OMU B 36 7.25 42.06 -17.09
C2' OMU B 36 7.24 41.75 -15.59
O2' OMU B 36 7.80 42.87 -14.92
CM2 OMU B 36 6.87 43.35 -13.94
C3' OMU B 36 8.18 40.55 -15.53
C4' OMU B 36 9.22 40.89 -16.58
O3' OMU B 36 8.74 40.33 -14.24
O4' OMU B 36 8.47 41.57 -17.62
C5' OMU B 36 9.93 39.70 -17.18
O5' OMU B 36 9.11 38.55 -17.13
P OMU B 36 8.90 37.62 -18.41
OP1 OMU B 36 8.52 38.49 -19.56
OP2 OMU B 36 10.09 36.74 -18.52
O5' 9QV B 49 -5.81 11.79 13.71
C5' 9QV B 49 -6.84 11.30 12.87
C4' 9QV B 49 -6.63 9.83 12.71
O4' 9QV B 49 -5.33 9.56 12.12
C1' 9QV B 49 -4.65 8.62 12.89
N1 9QV B 49 -3.23 8.95 12.91
C6 9QV B 49 -2.82 10.24 13.11
C5 9QV B 49 -1.53 10.59 13.16
C4 9QV B 49 -0.54 9.58 13.00
O4 9QV B 49 0.67 9.76 13.00
N3 9QV B 49 -1.02 8.31 12.80
C2 9QV B 49 -2.33 7.93 12.76
O2 9QV B 49 -2.68 6.78 12.59
C2' 9QV B 49 -5.17 8.80 14.30
O2' 9QV B 49 -4.99 7.60 15.04
P 9QV B 49 -5.83 13.26 14.25
O3P 9QV B 49 -5.24 8.33 17.37
O2P 9QV B 49 -3.91 6.45 16.89
O1P 9QV B 49 -3.16 8.59 16.30
C3' 9QV B 49 -6.64 9.07 14.01
O3' 9QV B 49 -7.33 7.89 13.74
P1 9QV B 49 -4.30 7.75 16.42
OP1 9QV B 49 -7.17 13.52 14.80
OP2 9QV B 49 -4.65 13.51 15.11
P 5MC B 50 -8.53 7.32 14.66
OP1 5MC B 50 -8.84 8.22 15.79
OP2 5MC B 50 -8.22 5.88 14.90
O5' 5MC B 50 -9.76 7.32 13.67
C5' 5MC B 50 -10.48 8.52 13.41
C4' 5MC B 50 -11.25 8.46 12.11
O4' 5MC B 50 -10.32 8.30 11.02
C3' 5MC B 50 -12.26 7.33 12.00
O3' 5MC B 50 -13.42 7.83 11.37
C2' 5MC B 50 -11.58 6.33 11.07
O2' 5MC B 50 -12.48 5.58 10.29
C1' 5MC B 50 -10.74 7.24 10.19
N1 5MC B 50 -9.55 6.61 9.60
C2 5MC B 50 -9.63 6.04 8.33
O2 5MC B 50 -10.71 6.07 7.72
N3 5MC B 50 -8.54 5.46 7.79
C4 5MC B 50 -7.39 5.45 8.46
N4 5MC B 50 -6.31 4.88 7.90
C5 5MC B 50 -7.26 6.02 9.75
C6 5MC B 50 -8.36 6.59 10.29
CM5 5MC B 50 -5.91 5.97 10.46
P 5MC B 51 -14.84 7.16 11.71
OP1 5MC B 51 -14.71 5.73 12.02
OP2 5MC B 51 -15.78 7.60 10.67
O5' 5MC B 51 -15.22 7.78 13.13
C5' 5MC B 51 -15.14 9.16 13.41
C4' 5MC B 51 -16.10 9.53 14.51
O4' 5MC B 51 -17.47 9.42 14.01
C3' 5MC B 51 -16.08 8.61 15.72
O3' 5MC B 51 -15.05 8.91 16.63
C2' 5MC B 51 -17.48 8.79 16.30
O2' 5MC B 51 -17.56 10.00 17.05
C1' 5MC B 51 -18.33 8.95 15.04
N1 5MC B 51 -18.96 7.67 14.62
C2 5MC B 51 -19.97 7.10 15.40
O2 5MC B 51 -20.31 7.65 16.46
N3 5MC B 51 -20.55 5.94 14.99
C4 5MC B 51 -20.19 5.36 13.83
N4 5MC B 51 -20.80 4.22 13.49
C5 5MC B 51 -19.16 5.93 13.02
C6 5MC B 51 -18.59 7.08 13.44
CM5 5MC B 51 -18.73 5.28 11.69
P SUR B 56 -13.81 -11.57 21.62
OP1 SUR B 56 -13.76 -12.88 22.33
OP2 SUR B 56 -12.81 -10.51 21.94
O5' SUR B 56 -13.78 -11.89 20.05
C5' SUR B 56 -14.64 -12.88 19.49
C4' SUR B 56 -14.43 -12.99 17.99
O4' SUR B 56 -14.73 -11.73 17.37
C3' SUR B 56 -13.02 -13.30 17.56
C1' SUR B 56 -13.87 -11.52 16.26
N1 SUR B 56 -13.11 -10.27 16.46
C2' SUR B 56 -12.98 -12.76 16.13
C6 SUR B 56 -13.00 -9.69 17.71
C2 SUR B 56 -12.50 -9.66 15.38
C5 SUR B 56 -12.33 -8.56 17.92
S2 SUR B 56 -12.58 -10.30 13.80
N3 SUR B 56 -11.81 -8.51 15.62
C4 SUR B 56 -11.67 -7.89 16.83
O4 SUR B 56 -11.03 -6.85 16.90
O2' SUR B 56 -13.61 -13.66 15.24
O3' SUR B 56 -12.69 -14.68 17.67
N1 PSU B 57 -9.41 -10.31 18.35
C2 PSU B 57 -8.87 -9.10 18.16
N3 PSU B 57 -8.28 -8.76 17.01
C4 PSU B 57 -8.21 -9.62 16.00
C5 PSU B 57 -8.79 -10.98 16.17
C6 PSU B 57 -9.38 -11.25 17.40
O2 PSU B 57 -8.93 -8.26 19.09
O4 PSU B 57 -7.65 -9.29 14.93
C1' PSU B 57 -8.71 -11.98 15.10
C2' PSU B 57 -7.38 -12.69 15.24
O2' PSU B 57 -6.87 -13.06 13.95
C3' PSU B 57 -7.72 -13.94 16.00
C4' PSU B 57 -9.08 -14.27 15.41
O3' PSU B 57 -6.73 -14.97 15.87
O4' PSU B 57 -9.71 -13.00 15.24
C5' PSU B 57 -9.90 -15.20 16.30
O5' PSU B 57 -10.20 -14.54 17.52
P PSU B 57 -11.38 -15.12 18.45
OP1 PSU B 57 -11.31 -16.62 18.44
OP2 PSU B 57 -11.33 -14.36 19.76
N1 OMC B 58 -2.04 -12.78 14.71
C2 OMC B 58 -1.60 -12.00 13.65
N3 OMC B 58 -2.07 -12.25 12.39
C4 OMC B 58 -2.93 -13.25 12.20
C5 OMC B 58 -3.39 -14.07 13.27
C6 OMC B 58 -2.92 -13.82 14.49
O2 OMC B 58 -0.80 -11.08 13.87
N4 OMC B 58 -3.35 -13.47 10.95
C1' OMC B 58 -1.49 -12.54 16.08
C2' OMC B 58 -2.03 -11.27 16.73
O2' OMC B 58 -1.05 -10.78 17.63
CM2 OMC B 58 -0.18 -9.86 16.96
C3' OMC B 58 -3.23 -11.82 17.49
C4' OMC B 58 -2.71 -13.17 17.98
O4' OMC B 58 -1.84 -13.62 16.91
O3' OMC B 58 -3.67 -10.98 18.54
C5' OMC B 58 -3.78 -14.19 18.23
O5' OMC B 58 -4.73 -14.23 17.19
P OMC B 58 -5.79 -15.41 17.11
OP1 OMC B 58 -5.05 -16.62 16.69
OP2 OMC B 58 -6.63 -15.41 18.34
C2 7S3 B 59 -4.38 -8.91 9.83
C4 7S3 B 59 -4.36 -9.18 12.00
C1' 7S3 B 59 -3.39 -7.88 13.94
C2' 7S3 B 59 -4.22 -6.62 14.16
C3' 7S3 B 59 -4.60 -6.75 15.62
C4' 7S3 B 59 -3.39 -7.42 16.24
C5 7S3 B 59 -5.09 -10.36 11.92
C5' 7S3 B 59 -3.64 -8.20 17.50
C6 7S3 B 59 -5.46 -10.79 10.63
C8 7S3 B 59 -4.73 -10.04 13.99
CM1 7S3 B 59 -5.42 -10.40 8.24
N1 7S3 B 59 -5.08 -10.02 9.59
N3 7S3 B 59 -3.98 -8.39 10.98
N7 7S3 B 59 -5.31 -10.90 13.19
N9 7S3 B 59 -4.15 -8.98 13.34
O2' 7S3 B 59 -3.37 -5.49 13.98
O3' 7S3 B 59 -4.86 -5.49 16.21
O4' 7S3 B 59 -2.89 -8.30 15.19
O5' 7S3 B 59 -4.78 -9.03 17.38
O6 7S3 B 59 -6.10 -11.83 10.42
OP1 7S3 B 59 -5.37 -9.58 19.74
OP2 7S3 B 59 -6.09 -11.12 17.84
P 7S3 B 59 -5.08 -10.20 18.40
P 1MA B 60 -6.36 -4.99 16.41
OP1 1MA B 60 -6.25 -3.74 17.19
OP2 1MA B 60 -7.23 -6.09 16.87
O5' 1MA B 60 -6.84 -4.63 14.93
C5' 1MA B 60 -6.21 -3.60 14.15
C4' 1MA B 60 -7.23 -2.83 13.34
O4' 1MA B 60 -7.99 -3.76 12.53
C3' 1MA B 60 -8.26 -2.05 14.17
O3' 1MA B 60 -8.69 -0.88 13.46
C2' 1MA B 60 -9.43 -3.03 14.23
O2' 1MA B 60 -10.67 -2.41 14.46
C1' 1MA B 60 -9.36 -3.65 12.83
N9 1MA B 60 -9.98 -4.97 12.75
C8 1MA B 60 -10.31 -5.82 13.79
N7 1MA B 60 -10.87 -6.93 13.39
C5 1MA B 60 -10.93 -6.79 12.00
C6 1MA B 60 -11.40 -7.63 10.98
N6 1MA B 60 -11.94 -8.81 11.23
N1 1MA B 60 -11.28 -7.20 9.68
CM1 1MA B 60 -11.76 -8.01 8.59
C2 1MA B 60 -10.74 -6.00 9.45
N3 1MA B 60 -10.25 -5.12 10.33
C4 1MA B 60 -10.38 -5.58 11.59
#